data_6EAG
#
_entry.id   6EAG
#
_cell.length_a   170.340
_cell.length_b   170.340
_cell.length_c   170.340
_cell.angle_alpha   90.000
_cell.angle_beta   90.000
_cell.angle_gamma   90.000
#
_symmetry.space_group_name_H-M   'P 41 3 2'
#
loop_
_entity.id
_entity.type
_entity.pdbx_description
1 polymer 'Fusion glycoprotein F0'
2 non-polymer '2-[N-CYCLOHEXYLAMINO]ETHANE SULFONIC ACID'
3 non-polymer 'SULFATE ION'
4 non-polymer 'D(-)-TARTARIC ACID'
5 non-polymer 2-[[2-[[1-(2-azanylethyl)piperidin-4-yl]amino]-4-methyl-benzimidazol-1-yl]methyl]-6-methyl-pyridin-3-ol
#
_entity_poly.entity_id   1
_entity_poly.type   'polypeptide(L)'
_entity_poly.pdbx_seq_one_letter_code
;MELLILKANAITTILTAVTFCFASGQNITEEFYQSTCSAVSKGYLSALRTGWYTSVITIELSNIKENKCNGTDAKVKLIK
QELDKYKNAVTELQLLMQSTPATNNRARRELPRFMNYTLNNAKKTNVTLSKKRKRRFLGFLLSVGSAIASGVAVCKVLHL
EGEVNKIKSALLSTNKAVVSLSNGVSVLTFKVLDLKNYIDKQLLPILNKQSCSISNIETVIEFQQKNNRLLEITREFSVN
AGVTTPVSTYMLTNSELLSLINDMPITNDQKKLMSNNVQIVRQQSYSIMCIIKEEVLAYVVQLPLYGVIDTPCWKLHTSP
LCTTNTKEGSNICLTRTDRGWYCDNAGSVSFFPQAETCKVQSNRVFCDTMNSLTLPSEVNLCNVDIFNPKYDCKIMTSKT
DVSSSVITSLGAIVSCYGKTKCTASNKNRGIIKTFSNGCDYVSNKGVDTVSVGNTLYYVNKQEGKSLYVKGEPIINFYDP
LVFPSDEFDASISQVNEKINQSLAFIRKSDELLSAIGGYIPEAPRDGQAYVRKDGEWVLLSTFLGGLVPRGSHHHHHHSA
WSHPQFEK
;
_entity_poly.pdbx_strand_id   F
#
loop_
_chem_comp.id
_chem_comp.type
_chem_comp.name
_chem_comp.formula
5NK non-polymer 2-[[2-[[1-(2-azanylethyl)piperidin-4-yl]amino]-4-methyl-benzimidazol-1-yl]methyl]-6-methyl-pyridin-3-ol 'C22 H30 N6 O'
NHE non-polymer '2-[N-CYCLOHEXYLAMINO]ETHANE SULFONIC ACID' 'C8 H17 N O3 S'
SO4 non-polymer 'SULFATE ION' 'O4 S -2'
TAR non-polymer 'D(-)-TARTARIC ACID' 'C4 H6 O6'
#
# COMPACT_ATOMS: atom_id res chain seq x y z
N ASN A 27 -14.18 -18.68 6.58
CA ASN A 27 -13.26 -17.94 5.74
C ASN A 27 -12.63 -16.78 6.50
N ILE A 28 -13.20 -15.58 6.33
CA ILE A 28 -12.73 -14.40 7.06
C ILE A 28 -13.38 -14.39 8.44
N THR A 29 -12.56 -14.37 9.48
CA THR A 29 -13.02 -14.34 10.85
C THR A 29 -12.45 -13.11 11.56
N GLU A 30 -12.87 -12.92 12.81
CA GLU A 30 -12.39 -11.79 13.60
C GLU A 30 -12.64 -12.07 15.07
N GLU A 31 -11.68 -11.71 15.92
CA GLU A 31 -11.77 -11.85 17.35
C GLU A 31 -11.53 -10.49 18.01
N PHE A 32 -12.34 -10.16 19.00
CA PHE A 32 -12.16 -8.93 19.77
C PHE A 32 -11.69 -9.27 21.17
N TYR A 33 -10.68 -8.55 21.65
CA TYR A 33 -10.09 -8.78 22.96
C TYR A 33 -10.51 -7.64 23.88
N GLN A 34 -11.47 -7.92 24.76
CA GLN A 34 -11.92 -6.92 25.71
C GLN A 34 -10.82 -6.51 26.68
N SER A 35 -9.92 -7.45 27.00
CA SER A 35 -8.86 -7.17 27.97
C SER A 35 -7.89 -6.12 27.45
N THR A 36 -7.62 -6.10 26.15
CA THR A 36 -6.67 -5.17 25.56
C THR A 36 -7.31 -4.16 24.62
N CYS A 37 -8.63 -4.21 24.43
CA CYS A 37 -9.35 -3.29 23.53
C CYS A 37 -8.76 -3.33 22.12
N SER A 38 -8.69 -4.53 21.56
CA SER A 38 -8.12 -4.72 20.24
C SER A 38 -8.85 -5.86 19.54
N ALA A 39 -8.67 -5.94 18.23
CA ALA A 39 -9.31 -6.96 17.42
C ALA A 39 -8.36 -7.41 16.31
N VAL A 40 -8.44 -8.69 15.96
CA VAL A 40 -7.60 -9.29 14.95
C VAL A 40 -8.50 -9.89 13.87
N SER A 41 -8.33 -9.44 12.63
CA SER A 41 -9.08 -9.94 11.49
C SER A 41 -8.17 -10.87 10.71
N LYS A 42 -8.36 -12.18 10.91
CA LYS A 42 -7.55 -13.20 10.26
C LYS A 42 -8.35 -13.89 9.16
N GLY A 43 -7.63 -14.66 8.35
CA GLY A 43 -8.21 -15.35 7.22
C GLY A 43 -7.81 -14.83 5.86
N TYR A 44 -6.81 -13.97 5.79
CA TYR A 44 -6.39 -13.34 4.55
C TYR A 44 -5.20 -14.08 3.94
N LEU A 45 -4.93 -13.79 2.67
CA LEU A 45 -3.80 -14.35 1.96
C LEU A 45 -2.87 -13.22 1.51
N SER A 46 -1.59 -13.55 1.38
CA SER A 46 -0.58 -12.54 1.13
C SER A 46 -0.32 -12.36 -0.36
N ALA A 47 0.10 -11.15 -0.71
CA ALA A 47 0.59 -10.85 -2.05
C ALA A 47 1.55 -9.67 -1.96
N LEU A 48 2.74 -9.91 -1.42
CA LEU A 48 3.66 -8.83 -1.07
C LEU A 48 4.65 -8.60 -2.20
N ARG A 49 4.89 -7.33 -2.50
CA ARG A 49 5.93 -6.97 -3.46
C ARG A 49 7.28 -7.08 -2.78
N THR A 50 8.10 -8.03 -3.22
CA THR A 50 9.43 -8.24 -2.66
C THR A 50 10.52 -7.58 -3.49
N GLY A 51 10.41 -7.63 -4.82
CA GLY A 51 11.39 -7.00 -5.68
C GLY A 51 10.75 -6.30 -6.86
N TRP A 52 11.56 -5.86 -7.81
CA TRP A 52 11.08 -5.16 -8.99
C TRP A 52 11.49 -5.92 -10.25
N TYR A 53 10.80 -5.62 -11.35
CA TYR A 53 11.15 -6.13 -12.67
C TYR A 53 11.12 -4.96 -13.65
N THR A 54 12.27 -4.68 -14.26
CA THR A 54 12.41 -3.56 -15.19
C THR A 54 12.26 -4.04 -16.62
N SER A 55 11.59 -3.22 -17.44
CA SER A 55 11.41 -3.51 -18.86
C SER A 55 11.42 -2.20 -19.62
N VAL A 56 12.20 -2.15 -20.70
CA VAL A 56 12.35 -0.94 -21.50
C VAL A 56 11.28 -0.93 -22.58
N ILE A 57 10.36 0.04 -22.51
CA ILE A 57 9.32 0.21 -23.50
C ILE A 57 9.76 1.29 -24.48
N THR A 58 9.75 0.96 -25.76
CA THR A 58 10.26 1.85 -26.80
C THR A 58 9.16 2.22 -27.78
N ILE A 59 9.29 3.42 -28.36
CA ILE A 59 8.40 3.91 -29.40
C ILE A 59 9.28 4.57 -30.45
N GLU A 60 9.33 3.99 -31.65
CA GLU A 60 10.15 4.55 -32.72
C GLU A 60 9.47 5.78 -33.32
N LEU A 61 10.26 6.82 -33.51
CA LEU A 61 9.77 8.11 -34.00
C LEU A 61 10.41 8.44 -35.34
N SER A 62 9.72 9.28 -36.10
CA SER A 62 10.19 9.75 -37.40
C SER A 62 10.61 11.20 -37.29
N ASN A 63 11.86 11.49 -37.68
CA ASN A 63 12.40 12.84 -37.60
C ASN A 63 11.98 13.61 -38.86
N ILE A 64 10.77 14.18 -38.80
CA ILE A 64 10.15 14.82 -39.94
C ILE A 64 10.31 16.33 -39.84
N LYS A 65 10.26 16.99 -40.99
CA LYS A 65 10.39 18.44 -41.06
C LYS A 65 9.46 19.01 -42.13
N LYS A 75 -9.20 15.63 -46.81
CA LYS A 75 -8.34 14.62 -46.22
C LYS A 75 -6.89 15.08 -46.18
N VAL A 76 -6.50 15.84 -47.21
CA VAL A 76 -5.11 16.28 -47.34
C VAL A 76 -4.71 17.24 -46.22
N LYS A 77 -5.67 17.93 -45.62
CA LYS A 77 -5.38 18.94 -44.60
C LYS A 77 -5.66 18.47 -43.17
N LEU A 78 -6.23 17.28 -43.00
CA LEU A 78 -6.46 16.76 -41.65
C LEU A 78 -5.15 16.40 -40.97
N ILE A 79 -4.26 15.71 -41.69
CA ILE A 79 -2.96 15.36 -41.14
C ILE A 79 -2.09 16.60 -40.93
N LYS A 80 -2.36 17.68 -41.66
CA LYS A 80 -1.53 18.89 -41.55
C LYS A 80 -1.52 19.42 -40.13
N GLN A 81 -2.65 19.34 -39.43
CA GLN A 81 -2.73 19.78 -38.04
C GLN A 81 -2.53 18.65 -37.03
N GLU A 82 -2.70 17.40 -37.46
CA GLU A 82 -2.42 16.27 -36.58
C GLU A 82 -0.93 15.94 -36.53
N LEU A 83 -0.22 16.15 -37.65
CA LEU A 83 1.22 15.94 -37.65
C LEU A 83 1.94 16.98 -36.82
N ASP A 84 1.35 18.16 -36.65
CA ASP A 84 1.95 19.21 -35.84
C ASP A 84 1.82 18.93 -34.34
N LYS A 85 0.81 18.15 -33.93
CA LYS A 85 0.80 17.66 -32.56
C LYS A 85 1.99 16.76 -32.29
N TYR A 86 2.38 15.96 -33.30
CA TYR A 86 3.56 15.11 -33.19
C TYR A 86 4.82 15.95 -32.99
N LYS A 87 4.97 17.02 -33.78
CA LYS A 87 6.13 17.89 -33.64
C LYS A 87 6.15 18.59 -32.28
N ASN A 88 4.98 18.79 -31.67
CA ASN A 88 4.91 19.44 -30.37
C ASN A 88 5.10 18.47 -29.22
N ALA A 89 4.64 17.22 -29.36
CA ALA A 89 4.89 16.23 -28.31
C ALA A 89 6.37 15.91 -28.21
N VAL A 90 7.04 15.72 -29.34
CA VAL A 90 8.48 15.49 -29.32
C VAL A 90 9.19 16.73 -28.82
N THR A 91 8.68 17.91 -29.15
CA THR A 91 9.28 19.15 -28.63
C THR A 91 9.17 19.22 -27.11
N GLU A 92 8.04 18.76 -26.56
CA GLU A 92 7.86 18.78 -25.11
C GLU A 92 8.76 17.76 -24.43
N LEU A 93 8.80 16.53 -24.96
CA LEU A 93 9.57 15.47 -24.33
C LEU A 93 11.07 15.76 -24.35
N GLN A 94 11.55 16.49 -25.35
CA GLN A 94 12.95 16.88 -25.35
C GLN A 94 13.24 17.91 -24.26
N LEU A 95 12.27 18.78 -23.96
CA LEU A 95 12.40 19.67 -22.81
C LEU A 95 12.32 18.91 -21.51
N LEU A 96 11.71 17.72 -21.50
CA LEU A 96 11.52 16.96 -20.28
C LEU A 96 12.84 16.37 -19.79
N MET A 97 13.52 15.60 -20.66
CA MET A 97 14.75 14.94 -20.25
C MET A 97 15.91 15.92 -20.15
N GLN A 98 16.10 16.77 -21.17
CA GLN A 98 17.28 17.62 -21.25
C GLN A 98 17.14 18.85 -20.35
N PHE A 137 0.68 3.39 14.32
CA PHE A 137 1.43 4.33 15.14
C PHE A 137 2.93 4.20 14.95
N LEU A 138 3.39 2.95 14.74
CA LEU A 138 4.81 2.67 14.69
C LEU A 138 5.39 2.92 13.30
N GLY A 139 4.84 3.90 12.58
CA GLY A 139 5.31 4.17 11.24
C GLY A 139 6.68 4.81 11.20
N PHE A 140 7.04 5.56 12.24
CA PHE A 140 8.34 6.24 12.28
C PHE A 140 9.50 5.26 12.37
N LEU A 141 9.24 3.98 12.68
CA LEU A 141 10.28 2.97 12.73
C LEU A 141 10.62 2.39 11.37
N LEU A 142 9.88 2.77 10.32
CA LEU A 142 10.08 2.18 9.00
C LEU A 142 11.38 2.67 8.38
N SER A 143 11.87 1.88 7.43
CA SER A 143 13.09 2.20 6.71
C SER A 143 12.82 3.29 5.67
N VAL A 144 13.89 3.85 5.14
CA VAL A 144 13.82 4.92 4.15
C VAL A 144 14.56 4.45 2.91
N GLY A 145 13.82 4.02 1.89
CA GLY A 145 14.38 3.51 0.67
C GLY A 145 14.08 4.40 -0.52
N SER A 146 14.67 4.03 -1.66
CA SER A 146 14.45 4.71 -2.93
C SER A 146 13.60 3.79 -3.80
N ALA A 147 12.37 4.21 -4.09
CA ALA A 147 11.43 3.34 -4.78
C ALA A 147 11.88 3.03 -6.19
N ILE A 148 12.25 4.06 -6.95
CA ILE A 148 12.61 3.90 -8.36
C ILE A 148 14.13 3.75 -8.52
N ALA A 149 14.84 3.35 -7.47
CA ALA A 149 16.29 3.18 -7.57
C ALA A 149 16.65 2.12 -8.59
N SER A 150 15.81 1.11 -8.76
CA SER A 150 16.07 0.05 -9.73
C SER A 150 15.79 0.53 -11.16
N GLY A 151 14.69 1.26 -11.36
CA GLY A 151 14.36 1.72 -12.70
C GLY A 151 15.32 2.76 -13.22
N VAL A 152 15.72 3.71 -12.38
CA VAL A 152 16.67 4.73 -12.80
C VAL A 152 18.03 4.10 -13.10
N ALA A 153 18.38 3.02 -12.40
CA ALA A 153 19.62 2.32 -12.68
C ALA A 153 19.65 1.76 -14.11
N VAL A 154 18.49 1.58 -14.73
CA VAL A 154 18.43 1.15 -16.13
C VAL A 154 18.52 2.33 -17.09
N CYS A 155 18.00 3.50 -16.71
CA CYS A 155 18.05 4.63 -17.62
C CYS A 155 19.45 5.21 -17.75
N LYS A 156 20.27 5.10 -16.71
CA LYS A 156 21.67 5.49 -16.84
C LYS A 156 22.43 4.56 -17.77
N VAL A 157 21.90 3.36 -18.03
CA VAL A 157 22.52 2.47 -19.01
C VAL A 157 22.07 2.82 -20.42
N LEU A 158 20.83 3.26 -20.60
CA LEU A 158 20.35 3.62 -21.93
C LEU A 158 20.99 4.90 -22.45
N HIS A 159 21.51 5.76 -21.56
CA HIS A 159 22.20 6.95 -22.01
C HIS A 159 23.57 6.67 -22.61
N LEU A 160 24.10 5.46 -22.42
CA LEU A 160 25.38 5.10 -22.99
C LEU A 160 25.30 5.06 -24.51
N GLU A 161 26.41 5.37 -25.16
CA GLU A 161 26.46 5.31 -26.61
C GLU A 161 26.39 3.88 -27.09
N GLY A 162 25.63 3.66 -28.17
CA GLY A 162 25.41 2.34 -28.70
C GLY A 162 24.38 1.51 -27.97
N GLU A 163 24.13 1.79 -26.69
CA GLU A 163 23.13 1.04 -25.95
C GLU A 163 21.72 1.30 -26.46
N VAL A 164 21.49 2.44 -27.10
CA VAL A 164 20.21 2.69 -27.75
C VAL A 164 20.12 1.90 -29.06
N ASN A 165 21.20 1.89 -29.84
CA ASN A 165 21.19 1.14 -31.09
C ASN A 165 21.15 -0.36 -30.86
N LYS A 166 21.68 -0.84 -29.73
CA LYS A 166 21.55 -2.24 -29.39
C LYS A 166 20.10 -2.65 -29.26
N ILE A 167 19.27 -1.76 -28.71
CA ILE A 167 17.84 -2.03 -28.59
C ILE A 167 17.14 -1.84 -29.94
N LYS A 168 17.50 -0.78 -30.67
CA LYS A 168 16.89 -0.53 -31.97
C LYS A 168 17.23 -1.62 -32.99
N SER A 169 18.28 -2.40 -32.73
CA SER A 169 18.66 -3.46 -33.66
C SER A 169 17.89 -4.74 -33.39
N ALA A 170 17.70 -5.09 -32.11
CA ALA A 170 16.96 -6.31 -31.78
C ALA A 170 15.47 -6.16 -32.08
N LEU A 171 14.92 -4.98 -31.87
CA LEU A 171 13.52 -4.70 -32.19
C LEU A 171 13.35 -4.27 -33.64
N LEU A 172 13.88 -5.09 -34.56
CA LEU A 172 13.83 -4.79 -35.99
C LEU A 172 12.70 -5.54 -36.69
N SER A 173 12.71 -6.87 -36.59
CA SER A 173 11.69 -7.70 -37.22
C SER A 173 10.58 -8.11 -36.27
N THR A 174 10.65 -7.73 -35.00
CA THR A 174 9.66 -8.09 -34.02
C THR A 174 9.45 -6.93 -33.05
N ASN A 175 8.35 -7.01 -32.30
CA ASN A 175 8.02 -6.01 -31.30
C ASN A 175 8.46 -6.40 -29.89
N LYS A 176 8.66 -7.69 -29.64
CA LYS A 176 9.05 -8.19 -28.33
C LYS A 176 10.36 -8.95 -28.46
N ALA A 177 11.40 -8.47 -27.78
CA ALA A 177 12.70 -9.10 -27.82
C ALA A 177 13.47 -8.74 -26.56
N VAL A 178 14.25 -9.69 -26.06
CA VAL A 178 15.09 -9.47 -24.88
C VAL A 178 16.46 -8.99 -25.34
N VAL A 179 16.92 -7.90 -24.74
CA VAL A 179 18.20 -7.29 -25.08
C VAL A 179 19.11 -7.37 -23.86
N SER A 180 20.22 -8.09 -23.99
CA SER A 180 21.23 -8.13 -22.94
C SER A 180 22.04 -6.85 -22.99
N LEU A 181 21.96 -6.05 -21.93
CA LEU A 181 22.59 -4.74 -21.92
C LEU A 181 24.07 -4.87 -21.58
N SER A 182 24.74 -3.71 -21.52
CA SER A 182 26.20 -3.70 -21.39
C SER A 182 26.64 -4.17 -20.00
N ASN A 183 25.96 -3.70 -18.95
CA ASN A 183 26.34 -4.02 -17.58
C ASN A 183 25.73 -5.34 -17.09
N GLY A 184 25.58 -6.32 -17.96
CA GLY A 184 25.06 -7.61 -17.56
C GLY A 184 23.64 -7.58 -17.05
N VAL A 185 22.77 -6.83 -17.73
CA VAL A 185 21.36 -6.70 -17.34
C VAL A 185 20.52 -7.19 -18.49
N SER A 186 19.80 -8.28 -18.29
CA SER A 186 18.89 -8.83 -19.28
C SER A 186 17.51 -8.20 -19.08
N VAL A 187 17.10 -7.35 -20.02
CA VAL A 187 15.83 -6.64 -19.93
C VAL A 187 14.92 -7.09 -21.08
N LEU A 188 13.63 -7.17 -20.81
CA LEU A 188 12.63 -7.55 -21.81
C LEU A 188 12.14 -6.28 -22.49
N THR A 189 12.67 -6.00 -23.67
CA THR A 189 12.31 -4.80 -24.40
C THR A 189 11.02 -5.01 -25.20
N PHE A 190 10.34 -3.90 -25.48
CA PHE A 190 9.06 -3.95 -26.16
C PHE A 190 8.94 -2.75 -27.09
N LYS A 191 8.46 -2.99 -28.31
CA LYS A 191 8.17 -1.93 -29.27
C LYS A 191 6.65 -1.84 -29.37
N VAL A 192 6.06 -1.03 -28.50
CA VAL A 192 4.61 -0.94 -28.42
C VAL A 192 4.00 -0.08 -29.52
N LEU A 193 4.77 0.85 -30.09
CA LEU A 193 4.26 1.75 -31.12
C LEU A 193 5.36 1.99 -32.14
N ASP A 194 4.99 1.95 -33.42
CA ASP A 194 5.93 2.10 -34.53
C ASP A 194 5.47 3.24 -35.42
N LEU A 195 5.80 4.46 -35.02
CA LEU A 195 5.47 5.66 -35.80
C LEU A 195 6.48 5.92 -36.91
N LYS A 196 7.75 5.59 -36.70
CA LYS A 196 8.73 5.71 -37.77
C LYS A 196 8.34 4.86 -38.97
N ASN A 197 7.98 3.60 -38.72
CA ASN A 197 7.51 2.72 -39.78
C ASN A 197 6.16 3.15 -40.34
N TYR A 198 5.46 4.06 -39.67
CA TYR A 198 4.17 4.56 -40.15
C TYR A 198 4.31 5.90 -40.86
N ILE A 199 5.01 6.86 -40.26
CA ILE A 199 5.12 8.18 -40.88
C ILE A 199 5.95 8.11 -42.16
N ASP A 200 6.97 7.25 -42.18
CA ASP A 200 7.84 7.12 -43.34
C ASP A 200 7.28 6.19 -44.42
N LYS A 201 6.20 5.47 -44.13
CA LYS A 201 5.61 4.56 -45.10
C LYS A 201 4.33 5.07 -45.74
N GLN A 202 3.59 5.98 -45.07
CA GLN A 202 2.32 6.44 -45.60
C GLN A 202 2.17 7.96 -45.61
N LEU A 203 3.06 8.71 -45.00
CA LEU A 203 2.91 10.16 -44.86
C LEU A 203 3.96 10.92 -45.65
N LEU A 204 4.24 10.49 -46.88
CA LEU A 204 5.17 11.19 -47.74
C LEU A 204 4.46 11.62 -49.03
N PRO A 205 4.55 12.90 -49.42
CA PRO A 205 3.86 13.44 -50.59
C PRO A 205 4.64 13.27 -51.89
N GLU A 218 -9.23 6.96 -43.84
CA GLU A 218 -8.83 5.60 -43.52
C GLU A 218 -7.50 5.58 -42.78
N THR A 219 -6.45 6.08 -43.43
CA THR A 219 -5.15 6.14 -42.78
C THR A 219 -5.01 7.33 -41.85
N VAL A 220 -5.83 8.38 -42.04
CA VAL A 220 -5.88 9.45 -41.06
C VAL A 220 -6.40 8.92 -39.72
N ILE A 221 -7.24 7.88 -39.76
CA ILE A 221 -7.73 7.27 -38.53
C ILE A 221 -6.58 6.64 -37.76
N GLU A 222 -5.81 5.77 -38.41
CA GLU A 222 -4.69 5.11 -37.73
C GLU A 222 -3.65 6.11 -37.24
N PHE A 223 -3.47 7.22 -37.94
CA PHE A 223 -2.52 8.23 -37.49
C PHE A 223 -3.06 9.00 -36.30
N GLN A 224 -4.30 9.50 -36.40
CA GLN A 224 -4.89 10.25 -35.31
C GLN A 224 -5.08 9.43 -34.05
N GLN A 225 -5.07 8.10 -34.17
CA GLN A 225 -5.18 7.25 -32.99
C GLN A 225 -3.81 6.82 -32.45
N LYS A 226 -2.87 6.47 -33.34
CA LYS A 226 -1.52 6.15 -32.90
C LYS A 226 -0.81 7.38 -32.35
N ASN A 227 -1.08 8.56 -32.94
CA ASN A 227 -0.48 9.79 -32.42
C ASN A 227 -1.13 10.23 -31.12
N ASN A 228 -2.42 9.91 -30.93
CA ASN A 228 -3.12 10.31 -29.70
C ASN A 228 -2.52 9.61 -28.48
N ARG A 229 -2.06 8.37 -28.63
CA ARG A 229 -1.40 7.69 -27.53
C ARG A 229 -0.07 8.35 -27.18
N LEU A 230 0.70 8.75 -28.20
CA LEU A 230 1.96 9.45 -27.96
C LEU A 230 1.72 10.75 -27.20
N LEU A 231 0.64 11.47 -27.54
CA LEU A 231 0.33 12.70 -26.84
C LEU A 231 -0.01 12.43 -25.37
N GLU A 232 -0.71 11.33 -25.09
CA GLU A 232 -1.11 11.03 -23.73
C GLU A 232 0.09 10.59 -22.88
N ILE A 233 1.01 9.83 -23.47
CA ILE A 233 2.25 9.50 -22.76
C ILE A 233 3.03 10.77 -22.46
N THR A 234 2.98 11.75 -23.38
CA THR A 234 3.67 13.01 -23.16
C THR A 234 3.02 13.83 -22.04
N ARG A 235 1.68 13.84 -21.98
CA ARG A 235 0.99 14.62 -20.96
C ARG A 235 1.28 14.10 -19.56
N GLU A 236 1.31 12.77 -19.40
CA GLU A 236 1.57 12.20 -18.08
C GLU A 236 3.01 12.45 -17.65
N PHE A 237 3.95 12.37 -18.59
CA PHE A 237 5.36 12.55 -18.26
C PHE A 237 5.72 14.01 -17.99
N SER A 238 4.90 14.95 -18.45
CA SER A 238 5.19 16.37 -18.24
C SER A 238 4.65 16.88 -16.91
N VAL A 239 3.45 16.43 -16.52
CA VAL A 239 2.83 16.90 -15.28
C VAL A 239 3.29 16.02 -14.13
N ASN A 240 4.26 15.14 -14.37
CA ASN A 240 4.80 14.29 -13.32
C ASN A 240 6.32 14.24 -13.32
N ALA A 241 6.99 15.16 -14.02
CA ALA A 241 8.45 15.22 -14.10
C ALA A 241 9.07 13.93 -14.61
N GLY A 242 8.30 13.10 -15.30
CA GLY A 242 8.82 11.90 -15.91
C GLY A 242 8.65 10.61 -15.14
N VAL A 243 7.88 10.61 -14.06
CA VAL A 243 7.62 9.41 -13.27
C VAL A 243 6.12 9.26 -13.10
N THR A 244 5.57 8.16 -13.58
CA THR A 244 4.13 7.93 -13.62
C THR A 244 3.76 6.72 -12.78
N THR A 245 2.77 6.88 -11.90
CA THR A 245 2.15 5.78 -11.18
C THR A 245 0.77 6.19 -10.72
N PRO A 246 -0.26 5.36 -10.94
CA PRO A 246 -0.21 4.04 -11.59
C PRO A 246 0.07 4.09 -13.09
N VAL A 247 0.73 3.06 -13.60
CA VAL A 247 1.05 2.98 -15.02
C VAL A 247 -0.24 2.90 -15.82
N SER A 248 -0.54 3.94 -16.58
CA SER A 248 -1.78 4.00 -17.33
C SER A 248 -1.71 3.06 -18.54
N THR A 249 -2.86 2.92 -19.21
CA THR A 249 -2.95 2.06 -20.38
C THR A 249 -2.24 2.65 -21.59
N TYR A 250 -1.82 3.92 -21.53
CA TYR A 250 -1.03 4.49 -22.61
C TYR A 250 0.43 4.08 -22.50
N MET A 251 0.97 4.07 -21.28
CA MET A 251 2.32 3.55 -21.07
C MET A 251 2.39 2.06 -21.40
N LEU A 252 1.30 1.33 -21.16
CA LEU A 252 1.29 -0.11 -21.35
C LEU A 252 -0.16 -0.56 -21.42
N THR A 253 -0.63 -0.93 -22.61
CA THR A 253 -2.01 -1.38 -22.76
C THR A 253 -2.20 -2.74 -22.10
N ASN A 254 -3.47 -3.11 -21.91
CA ASN A 254 -3.78 -4.41 -21.32
C ASN A 254 -3.23 -5.55 -22.16
N SER A 255 -3.33 -5.42 -23.49
CA SER A 255 -2.75 -6.45 -24.36
C SER A 255 -1.23 -6.50 -24.20
N GLU A 256 -0.58 -5.35 -24.07
CA GLU A 256 0.86 -5.33 -23.89
C GLU A 256 1.24 -5.77 -22.48
N LEU A 257 0.46 -5.36 -21.47
CA LEU A 257 0.79 -5.70 -20.09
C LEU A 257 0.62 -7.20 -19.84
N LEU A 258 -0.54 -7.75 -20.20
CA LEU A 258 -0.78 -9.18 -20.01
C LEU A 258 0.24 -10.01 -20.77
N SER A 259 0.62 -9.57 -21.98
CA SER A 259 1.66 -10.26 -22.72
C SER A 259 3.03 -10.07 -22.07
N LEU A 260 3.24 -8.92 -21.42
CA LEU A 260 4.48 -8.72 -20.70
C LEU A 260 4.52 -9.54 -19.41
N ILE A 261 3.35 -9.79 -18.81
CA ILE A 261 3.30 -10.63 -17.61
C ILE A 261 3.54 -12.08 -17.95
N ASN A 262 3.01 -12.54 -19.10
CA ASN A 262 3.19 -13.93 -19.49
C ASN A 262 4.64 -14.22 -19.88
N ASP A 263 5.30 -13.25 -20.52
CA ASP A 263 6.65 -13.48 -21.04
C ASP A 263 7.73 -13.30 -19.98
N MET A 264 7.45 -12.55 -18.92
CA MET A 264 8.46 -12.36 -17.87
C MET A 264 8.65 -13.67 -17.11
N PRO A 265 9.88 -14.01 -16.73
CA PRO A 265 10.14 -15.32 -16.12
C PRO A 265 9.88 -15.34 -14.62
N ILE A 266 8.69 -15.77 -14.23
CA ILE A 266 8.34 -15.99 -12.83
C ILE A 266 7.52 -17.28 -12.75
N THR A 267 7.12 -17.64 -11.54
CA THR A 267 6.35 -18.87 -11.35
C THR A 267 4.95 -18.71 -11.92
N ASN A 268 4.29 -19.85 -12.14
CA ASN A 268 2.94 -19.86 -12.67
C ASN A 268 1.93 -19.27 -11.69
N ASP A 269 2.23 -19.30 -10.39
CA ASP A 269 1.33 -18.68 -9.42
C ASP A 269 1.38 -17.16 -9.53
N GLN A 270 2.57 -16.60 -9.77
CA GLN A 270 2.68 -15.16 -9.94
C GLN A 270 2.01 -14.69 -11.22
N LYS A 271 2.12 -15.48 -12.29
CA LYS A 271 1.60 -15.03 -13.58
C LYS A 271 0.07 -14.90 -13.56
N LYS A 272 -0.62 -15.82 -12.89
CA LYS A 272 -2.07 -15.73 -12.81
C LYS A 272 -2.52 -14.74 -11.75
N LEU A 273 -1.74 -14.56 -10.68
CA LEU A 273 -2.06 -13.54 -9.69
C LEU A 273 -2.00 -12.15 -10.31
N MET A 274 -0.98 -11.90 -11.13
CA MET A 274 -0.86 -10.59 -11.78
C MET A 274 -1.86 -10.42 -12.91
N SER A 275 -2.25 -11.52 -13.55
CA SER A 275 -3.18 -11.43 -14.68
C SER A 275 -4.62 -11.20 -14.23
N ASN A 276 -4.99 -11.68 -13.04
CA ASN A 276 -6.34 -11.49 -12.53
C ASN A 276 -6.52 -10.17 -11.79
N ASN A 277 -5.43 -9.52 -11.41
CA ASN A 277 -5.48 -8.24 -10.69
C ASN A 277 -4.52 -7.25 -11.36
N VAL A 278 -4.81 -6.92 -12.63
CA VAL A 278 -3.90 -6.05 -13.38
C VAL A 278 -3.98 -4.62 -12.89
N GLN A 279 -5.16 -4.16 -12.46
CA GLN A 279 -5.28 -2.80 -11.96
C GLN A 279 -4.54 -2.61 -10.64
N ILE A 280 -4.32 -3.69 -9.88
CA ILE A 280 -3.47 -3.60 -8.70
C ILE A 280 -2.00 -3.54 -9.10
N VAL A 281 -1.61 -4.34 -10.11
CA VAL A 281 -0.24 -4.30 -10.61
C VAL A 281 0.08 -2.93 -11.17
N ARG A 282 -0.89 -2.29 -11.83
CA ARG A 282 -0.68 -0.94 -12.35
C ARG A 282 -0.42 0.04 -11.22
N GLN A 283 -1.18 -0.06 -10.12
CA GLN A 283 -1.00 0.87 -9.00
C GLN A 283 0.31 0.63 -8.27
N GLN A 284 0.92 -0.54 -8.40
CA GLN A 284 2.21 -0.83 -7.79
C GLN A 284 3.35 -0.76 -8.79
N SER A 285 3.12 -0.15 -9.96
CA SER A 285 4.11 -0.07 -11.02
C SER A 285 4.49 1.38 -11.27
N TYR A 286 5.68 1.58 -11.80
CA TYR A 286 6.22 2.90 -12.12
C TYR A 286 6.55 2.99 -13.60
N SER A 287 6.22 4.13 -14.19
CA SER A 287 6.58 4.46 -15.57
C SER A 287 7.54 5.63 -15.53
N ILE A 288 8.80 5.38 -15.93
CA ILE A 288 9.89 6.33 -15.75
C ILE A 288 10.36 6.79 -17.14
N MET A 289 10.22 8.08 -17.41
CA MET A 289 10.77 8.65 -18.63
C MET A 289 12.29 8.49 -18.64
N CYS A 290 12.83 8.14 -19.81
CA CYS A 290 14.21 7.69 -19.91
C CYS A 290 15.03 8.57 -20.85
N ILE A 291 14.83 8.46 -22.17
CA ILE A 291 15.73 9.10 -23.12
C ILE A 291 15.00 9.23 -24.46
N ILE A 292 15.42 10.22 -25.26
CA ILE A 292 15.04 10.34 -26.66
C ILE A 292 16.32 10.51 -27.45
N LYS A 293 16.75 9.46 -28.15
CA LYS A 293 17.99 9.50 -28.90
C LYS A 293 17.89 8.55 -30.08
N GLU A 294 18.31 9.01 -31.26
CA GLU A 294 18.33 8.22 -32.49
C GLU A 294 16.93 7.73 -32.86
N GLU A 295 16.02 8.70 -33.01
CA GLU A 295 14.67 8.47 -33.52
C GLU A 295 13.83 7.57 -32.62
N VAL A 296 14.25 7.35 -31.38
CA VAL A 296 13.59 6.41 -30.49
C VAL A 296 13.24 7.10 -29.17
N LEU A 297 12.02 6.88 -28.70
CA LEU A 297 11.59 7.25 -27.36
C LEU A 297 11.58 6.01 -26.48
N ALA A 298 12.23 6.09 -25.33
CA ALA A 298 12.30 4.97 -24.40
C ALA A 298 11.86 5.41 -23.02
N TYR A 299 11.24 4.48 -22.29
CA TYR A 299 10.87 4.72 -20.91
C TYR A 299 10.71 3.37 -20.21
N VAL A 300 11.28 3.25 -19.01
CA VAL A 300 11.32 2.00 -18.27
C VAL A 300 10.03 1.86 -17.47
N VAL A 301 9.42 0.68 -17.54
CA VAL A 301 8.24 0.35 -16.74
C VAL A 301 8.69 -0.56 -15.61
N GLN A 302 8.59 -0.08 -14.39
CA GLN A 302 9.03 -0.82 -13.21
C GLN A 302 7.85 -1.64 -12.68
N LEU A 303 7.98 -2.97 -12.73
CA LEU A 303 6.89 -3.85 -12.37
C LEU A 303 7.19 -4.62 -11.08
N PRO A 304 6.16 -4.92 -10.29
CA PRO A 304 6.39 -5.59 -9.00
C PRO A 304 6.57 -7.09 -9.15
N LEU A 305 7.39 -7.65 -8.26
CA LEU A 305 7.58 -9.08 -8.13
C LEU A 305 7.00 -9.54 -6.81
N TYR A 306 6.09 -10.52 -6.86
CA TYR A 306 5.39 -11.01 -5.68
C TYR A 306 6.04 -12.32 -5.23
N GLY A 307 7.11 -12.20 -4.45
CA GLY A 307 7.81 -13.37 -3.96
C GLY A 307 7.08 -14.10 -2.85
N VAL A 308 6.16 -13.43 -2.17
CA VAL A 308 5.38 -14.02 -1.08
C VAL A 308 3.92 -14.04 -1.50
N ILE A 309 3.37 -15.25 -1.63
CA ILE A 309 1.98 -15.44 -2.06
C ILE A 309 1.34 -16.50 -1.18
N ASP A 310 0.07 -16.28 -0.84
CA ASP A 310 -0.78 -17.24 -0.14
C ASP A 310 -0.27 -17.57 1.27
N THR A 311 0.49 -16.66 1.88
CA THR A 311 0.77 -16.92 3.28
C THR A 311 -0.25 -16.20 4.16
N PRO A 312 -0.51 -16.69 5.37
CA PRO A 312 -1.55 -16.09 6.21
C PRO A 312 -1.25 -14.65 6.57
N CYS A 313 -2.25 -13.79 6.44
CA CYS A 313 -2.17 -12.40 6.86
C CYS A 313 -3.29 -12.11 7.86
N TRP A 314 -3.10 -11.04 8.63
CA TRP A 314 -4.13 -10.60 9.56
C TRP A 314 -3.88 -9.13 9.91
N LYS A 315 -4.97 -8.40 10.11
CA LYS A 315 -4.94 -6.98 10.41
C LYS A 315 -5.33 -6.77 11.86
N LEU A 316 -4.52 -6.01 12.59
CA LEU A 316 -4.75 -5.73 14.00
C LEU A 316 -5.37 -4.34 14.15
N HIS A 317 -6.54 -4.29 14.80
CA HIS A 317 -7.22 -3.04 15.11
C HIS A 317 -7.10 -2.80 16.61
N THR A 318 -6.66 -1.61 17.00
CA THR A 318 -6.55 -1.24 18.41
C THR A 318 -7.24 0.09 18.64
N SER A 319 -7.73 0.27 19.86
CA SER A 319 -8.43 1.48 20.28
C SER A 319 -8.01 1.79 21.70
N PRO A 320 -8.10 3.06 22.12
CA PRO A 320 -7.73 3.42 23.49
C PRO A 320 -8.57 2.67 24.52
N LEU A 321 -7.92 2.31 25.63
CA LEU A 321 -8.54 1.62 26.75
C LEU A 321 -8.29 2.43 28.01
N CYS A 322 -9.28 3.22 28.42
CA CYS A 322 -9.16 4.11 29.57
C CYS A 322 -10.04 3.62 30.72
N THR A 323 -9.85 4.23 31.88
CA THR A 323 -10.72 3.98 33.01
C THR A 323 -11.95 4.89 32.91
N THR A 324 -12.99 4.52 33.66
CA THR A 324 -14.26 5.23 33.63
C THR A 324 -14.63 5.78 34.99
N ASN A 325 -13.66 6.37 35.68
CA ASN A 325 -13.93 6.97 36.98
C ASN A 325 -14.86 8.18 36.83
N THR A 326 -15.52 8.52 37.93
CA THR A 326 -16.51 9.60 37.90
C THR A 326 -15.84 10.95 37.65
N LYS A 327 -14.84 11.31 38.44
CA LYS A 327 -14.17 12.59 38.28
C LYS A 327 -13.28 12.55 37.04
N GLU A 328 -13.59 13.41 36.07
CA GLU A 328 -12.79 13.47 34.85
C GLU A 328 -11.43 14.07 35.15
N GLY A 329 -10.42 13.59 34.43
CA GLY A 329 -9.04 13.96 34.63
C GLY A 329 -8.24 12.96 35.44
N SER A 330 -8.89 12.25 36.37
CA SER A 330 -8.26 11.20 37.14
C SER A 330 -8.19 9.87 36.39
N ASN A 331 -8.53 9.88 35.11
CA ASN A 331 -8.56 8.66 34.30
C ASN A 331 -7.23 8.46 33.59
N ILE A 332 -6.80 7.20 33.52
CA ILE A 332 -5.60 6.81 32.81
C ILE A 332 -5.99 5.96 31.61
N CYS A 333 -5.19 6.06 30.54
CA CYS A 333 -5.50 5.39 29.28
C CYS A 333 -4.34 4.49 28.88
N LEU A 334 -4.59 3.69 27.84
CA LEU A 334 -3.63 2.72 27.35
C LEU A 334 -4.05 2.24 25.96
N THR A 335 -3.10 2.17 25.02
CA THR A 335 -3.43 1.82 23.64
C THR A 335 -2.30 1.00 23.05
N ARG A 336 -2.64 -0.16 22.49
CA ARG A 336 -1.66 -0.97 21.77
C ARG A 336 -1.25 -0.26 20.48
N THR A 337 0.03 0.10 20.38
CA THR A 337 0.53 0.81 19.22
C THR A 337 0.92 -0.12 18.07
N ASP A 338 0.90 -1.42 18.27
CA ASP A 338 1.37 -2.38 17.27
C ASP A 338 0.30 -2.74 16.23
N ARG A 339 -0.49 -1.77 15.79
CA ARG A 339 -1.57 -2.04 14.86
C ARG A 339 -1.12 -1.87 13.41
N GLY A 340 -1.76 -2.61 12.53
CA GLY A 340 -1.43 -2.61 11.12
C GLY A 340 -1.69 -3.97 10.52
N TRP A 341 -1.04 -4.22 9.39
CA TRP A 341 -1.17 -5.51 8.70
C TRP A 341 0.02 -6.39 9.06
N TYR A 342 -0.27 -7.64 9.42
CA TYR A 342 0.74 -8.65 9.72
C TYR A 342 0.59 -9.79 8.73
N CYS A 343 1.72 -10.29 8.23
CA CYS A 343 1.74 -11.41 7.31
C CYS A 343 2.92 -12.30 7.61
N ASP A 344 2.67 -13.60 7.74
CA ASP A 344 3.75 -14.57 7.86
C ASP A 344 4.62 -14.51 6.61
N ASN A 345 5.95 -14.41 6.82
CA ASN A 345 6.87 -14.24 5.70
C ASN A 345 8.21 -14.85 6.10
N ALA A 346 8.47 -16.05 5.58
CA ALA A 346 9.77 -16.72 5.69
C ALA A 346 10.23 -16.81 7.15
N GLY A 347 9.46 -17.55 7.94
CA GLY A 347 9.80 -17.76 9.33
C GLY A 347 9.50 -16.59 10.24
N SER A 348 9.64 -15.38 9.71
CA SER A 348 9.35 -14.16 10.44
C SER A 348 7.95 -13.67 10.11
N VAL A 349 7.65 -12.41 10.45
CA VAL A 349 6.36 -11.80 10.18
C VAL A 349 6.60 -10.37 9.72
N SER A 350 6.15 -10.04 8.51
CA SER A 350 6.25 -8.68 8.00
C SER A 350 5.10 -7.85 8.57
N PHE A 351 5.46 -6.73 9.21
CA PHE A 351 4.50 -5.84 9.86
C PHE A 351 4.43 -4.54 9.09
N PHE A 352 3.22 -4.15 8.68
CA PHE A 352 2.98 -2.91 7.96
C PHE A 352 2.23 -1.95 8.85
N PRO A 353 2.90 -1.02 9.53
CA PRO A 353 2.19 -0.14 10.47
C PRO A 353 1.23 0.82 9.80
N GLN A 354 1.36 1.03 8.50
CA GLN A 354 0.48 1.93 7.74
C GLN A 354 -0.44 1.05 6.89
N ALA A 355 -1.67 0.88 7.33
CA ALA A 355 -2.63 0.01 6.65
C ALA A 355 -3.05 0.55 5.28
N GLU A 356 -2.61 1.75 4.90
CA GLU A 356 -2.89 2.28 3.57
C GLU A 356 -1.85 1.83 2.54
N THR A 357 -0.69 1.34 2.98
CA THR A 357 0.26 0.74 2.07
C THR A 357 -0.16 -0.64 1.58
N CYS A 358 -1.17 -1.23 2.22
CA CYS A 358 -1.72 -2.52 1.83
C CYS A 358 -3.10 -2.32 1.20
N LYS A 359 -3.42 -3.19 0.25
CA LYS A 359 -4.67 -3.12 -0.50
C LYS A 359 -5.34 -4.48 -0.47
N VAL A 360 -6.63 -4.50 -0.13
CA VAL A 360 -7.38 -5.73 0.07
C VAL A 360 -8.33 -5.93 -1.10
N GLN A 361 -8.17 -7.05 -1.81
CA GLN A 361 -9.08 -7.49 -2.86
C GLN A 361 -9.59 -8.88 -2.46
N SER A 362 -10.88 -8.97 -2.15
CA SER A 362 -11.49 -10.19 -1.59
C SER A 362 -10.74 -10.50 -0.30
N ASN A 363 -10.12 -11.67 -0.16
CA ASN A 363 -9.30 -11.99 1.00
C ASN A 363 -7.81 -11.89 0.71
N ARG A 364 -7.44 -11.30 -0.43
CA ARG A 364 -6.04 -11.10 -0.79
C ARG A 364 -5.58 -9.73 -0.31
N VAL A 365 -4.36 -9.67 0.21
CA VAL A 365 -3.78 -8.44 0.73
C VAL A 365 -2.54 -8.12 -0.08
N PHE A 366 -2.59 -7.03 -0.84
CA PHE A 366 -1.46 -6.57 -1.64
C PHE A 366 -0.72 -5.50 -0.84
N CYS A 367 0.49 -5.84 -0.37
CA CYS A 367 1.31 -4.91 0.39
C CYS A 367 2.61 -4.64 -0.35
N ASP A 368 3.37 -3.70 0.20
CA ASP A 368 4.70 -3.33 -0.32
C ASP A 368 5.69 -3.45 0.83
N THR A 369 6.65 -4.36 0.69
CA THR A 369 7.56 -4.66 1.79
C THR A 369 8.44 -3.47 2.17
N MET A 370 8.60 -2.48 1.28
CA MET A 370 9.40 -1.31 1.62
C MET A 370 8.80 -0.55 2.80
N ASN A 371 7.48 -0.65 2.99
CA ASN A 371 6.79 -0.04 4.12
C ASN A 371 6.50 -1.05 5.22
N SER A 372 7.42 -1.99 5.45
CA SER A 372 7.21 -3.07 6.39
C SER A 372 8.32 -3.11 7.44
N LEU A 373 8.08 -3.90 8.48
CA LEU A 373 9.07 -4.23 9.49
C LEU A 373 9.07 -5.73 9.69
N THR A 374 10.26 -6.30 9.82
CA THR A 374 10.41 -7.75 10.01
C THR A 374 10.46 -8.03 11.49
N LEU A 375 9.43 -8.72 12.00
CA LEU A 375 9.32 -9.02 13.41
C LEU A 375 9.29 -10.53 13.65
N PRO A 376 9.72 -11.00 14.81
CA PRO A 376 9.59 -12.43 15.12
C PRO A 376 8.14 -12.85 15.16
N SER A 377 7.90 -14.11 14.81
CA SER A 377 6.54 -14.63 14.78
C SER A 377 5.86 -14.62 16.15
N GLU A 378 6.63 -14.44 17.23
CA GLU A 378 6.08 -14.33 18.57
C GLU A 378 5.34 -13.01 18.79
N VAL A 379 5.23 -12.15 17.77
CA VAL A 379 4.50 -10.90 17.94
C VAL A 379 3.00 -11.16 18.02
N ASN A 380 2.53 -12.28 17.44
CA ASN A 380 1.11 -12.60 17.50
C ASN A 380 0.65 -12.98 18.90
N LEU A 381 1.59 -13.28 19.80
CA LEU A 381 1.23 -13.61 21.18
C LEU A 381 0.63 -12.42 21.91
N CYS A 382 0.83 -11.20 21.42
CA CYS A 382 0.31 -10.01 22.09
C CYS A 382 -1.20 -9.91 22.02
N ASN A 383 -1.84 -10.62 21.09
CA ASN A 383 -3.29 -10.57 20.98
C ASN A 383 -3.94 -11.37 22.10
N VAL A 384 -3.46 -12.60 22.32
CA VAL A 384 -4.05 -13.46 23.35
C VAL A 384 -3.62 -13.01 24.74
N ASP A 385 -2.32 -12.93 24.98
CA ASP A 385 -1.77 -12.51 26.28
C ASP A 385 -0.81 -11.36 26.03
N ILE A 386 -1.22 -10.15 26.41
CA ILE A 386 -0.37 -8.98 26.21
C ILE A 386 0.78 -8.95 27.22
N PHE A 387 0.70 -9.73 28.29
CA PHE A 387 1.75 -9.79 29.30
C PHE A 387 2.67 -10.98 29.11
N ASN A 388 2.73 -11.55 27.91
CA ASN A 388 3.55 -12.73 27.68
C ASN A 388 5.03 -12.37 27.77
N PRO A 389 5.88 -13.31 28.20
CA PRO A 389 7.31 -13.02 28.35
C PRO A 389 8.15 -13.16 27.10
N LYS A 390 7.59 -13.68 25.99
CA LYS A 390 8.38 -13.89 24.79
C LYS A 390 8.48 -12.66 23.91
N TYR A 391 7.51 -11.74 23.99
CA TYR A 391 7.53 -10.52 23.20
C TYR A 391 7.01 -9.36 24.06
N ASP A 392 7.68 -8.22 23.96
CA ASP A 392 7.30 -7.03 24.70
C ASP A 392 6.31 -6.22 23.86
N CYS A 393 5.03 -6.32 24.20
CA CYS A 393 3.98 -5.69 23.41
C CYS A 393 4.03 -4.18 23.59
N LYS A 394 3.98 -3.46 22.47
CA LYS A 394 4.13 -2.01 22.50
C LYS A 394 2.80 -1.35 22.82
N ILE A 395 2.83 -0.43 23.78
CA ILE A 395 1.65 0.33 24.19
C ILE A 395 2.02 1.80 24.33
N MET A 396 1.00 2.65 24.37
CA MET A 396 1.17 4.06 24.67
C MET A 396 0.16 4.46 25.73
N THR A 397 0.59 5.36 26.62
CA THR A 397 -0.21 5.78 27.75
C THR A 397 -0.50 7.28 27.66
N SER A 398 -1.62 7.68 28.24
CA SER A 398 -2.04 9.08 28.27
C SER A 398 -3.16 9.22 29.29
N LYS A 399 -3.57 10.47 29.51
CA LYS A 399 -4.73 10.79 30.33
C LYS A 399 -5.86 11.39 29.51
N THR A 400 -5.74 11.37 28.19
CA THR A 400 -6.73 11.97 27.29
C THR A 400 -7.79 10.92 26.99
N ASP A 401 -8.89 10.96 27.75
CA ASP A 401 -9.96 9.98 27.60
C ASP A 401 -11.08 10.53 26.71
N VAL A 402 -10.71 10.74 25.44
CA VAL A 402 -11.67 11.17 24.43
C VAL A 402 -12.26 9.93 23.75
N SER A 403 -13.51 10.07 23.30
CA SER A 403 -14.20 8.94 22.70
C SER A 403 -13.80 8.79 21.23
N SER A 404 -13.66 7.55 20.80
CA SER A 404 -13.30 7.24 19.42
C SER A 404 -13.81 5.86 19.06
N SER A 405 -13.98 5.64 17.76
CA SER A 405 -14.42 4.35 17.24
C SER A 405 -13.43 3.88 16.19
N VAL A 406 -13.40 2.57 15.99
CA VAL A 406 -12.52 1.93 15.02
C VAL A 406 -13.34 0.94 14.22
N ILE A 407 -13.61 1.25 12.96
CA ILE A 407 -14.35 0.35 12.08
C ILE A 407 -13.42 -0.78 11.66
N THR A 408 -13.72 -1.99 12.10
CA THR A 408 -12.88 -3.14 11.84
C THR A 408 -13.33 -3.84 10.56
N SER A 409 -12.73 -5.00 10.27
CA SER A 409 -13.06 -5.72 9.05
C SER A 409 -14.44 -6.38 9.13
N LEU A 410 -14.84 -6.81 10.32
CA LEU A 410 -16.11 -7.51 10.50
C LEU A 410 -16.92 -6.91 11.64
N GLY A 411 -16.73 -5.62 11.93
CA GLY A 411 -17.46 -4.99 13.01
C GLY A 411 -16.98 -3.59 13.32
N ALA A 412 -16.96 -3.23 14.60
CA ALA A 412 -16.52 -1.91 15.02
C ALA A 412 -16.17 -1.93 16.50
N ILE A 413 -15.06 -1.26 16.85
CA ILE A 413 -14.62 -1.10 18.23
C ILE A 413 -14.98 0.31 18.66
N VAL A 414 -15.67 0.43 19.80
CA VAL A 414 -16.12 1.72 20.30
C VAL A 414 -15.49 1.95 21.67
N SER A 415 -14.75 3.04 21.80
CA SER A 415 -14.14 3.46 23.06
C SER A 415 -14.92 4.69 23.56
N CYS A 416 -15.95 4.43 24.36
CA CYS A 416 -16.85 5.47 24.84
C CYS A 416 -16.41 5.90 26.24
N TYR A 417 -16.05 7.18 26.38
CA TYR A 417 -15.66 7.73 27.67
C TYR A 417 -16.28 9.11 27.83
N GLY A 418 -16.58 9.46 29.08
CA GLY A 418 -17.17 10.75 29.36
C GLY A 418 -18.67 10.77 29.07
N LYS A 419 -19.17 11.96 28.73
CA LYS A 419 -20.58 12.17 28.45
C LYS A 419 -20.94 11.93 26.99
N THR A 420 -20.12 11.15 26.27
CA THR A 420 -20.38 10.92 24.85
C THR A 420 -21.53 9.94 24.67
N LYS A 421 -22.27 10.12 23.58
CA LYS A 421 -23.40 9.25 23.23
C LYS A 421 -22.94 8.31 22.12
N CYS A 422 -22.54 7.10 22.49
CA CYS A 422 -22.06 6.10 21.54
C CYS A 422 -23.13 5.04 21.38
N THR A 423 -23.62 4.86 20.15
CA THR A 423 -24.66 3.90 19.84
C THR A 423 -24.28 3.10 18.61
N ALA A 424 -25.00 2.00 18.40
CA ALA A 424 -24.89 1.16 17.21
C ALA A 424 -26.29 0.92 16.69
N SER A 425 -26.52 1.29 15.42
CA SER A 425 -27.86 1.32 14.87
C SER A 425 -27.97 0.42 13.65
N ASN A 426 -29.20 -0.04 13.38
CA ASN A 426 -29.55 -0.76 12.18
C ASN A 426 -30.18 0.21 11.18
N LYS A 427 -30.22 -0.21 9.91
CA LYS A 427 -30.69 0.67 8.85
C LYS A 427 -32.19 0.96 8.99
N ASN A 428 -33.00 -0.10 9.12
CA ASN A 428 -34.45 0.03 9.06
C ASN A 428 -35.11 -0.01 10.44
N ARG A 429 -34.35 -0.05 11.52
CA ARG A 429 -34.92 -0.16 12.86
C ARG A 429 -34.39 0.85 13.86
N GLY A 430 -33.24 1.47 13.62
CA GLY A 430 -32.72 2.47 14.53
C GLY A 430 -31.69 1.92 15.49
N ILE A 431 -31.57 2.60 16.63
CA ILE A 431 -30.56 2.24 17.62
C ILE A 431 -30.91 0.88 18.23
N ILE A 432 -29.95 -0.03 18.25
CA ILE A 432 -30.12 -1.35 18.84
C ILE A 432 -29.23 -1.57 20.05
N LYS A 433 -28.22 -0.75 20.27
CA LYS A 433 -27.35 -0.91 21.43
C LYS A 433 -26.76 0.45 21.80
N THR A 434 -26.78 0.75 23.10
CA THR A 434 -26.10 1.92 23.65
C THR A 434 -24.87 1.46 24.43
N PHE A 435 -23.72 2.02 24.08
CA PHE A 435 -22.46 1.60 24.67
C PHE A 435 -22.26 2.24 26.03
N SER A 436 -22.03 1.41 27.05
CA SER A 436 -21.62 1.92 28.34
C SER A 436 -20.19 2.46 28.26
N ASN A 437 -19.81 3.24 29.27
CA ASN A 437 -18.47 3.81 29.29
C ASN A 437 -17.41 2.71 29.37
N GLY A 438 -16.40 2.83 28.53
CA GLY A 438 -15.36 1.84 28.38
C GLY A 438 -15.18 1.48 26.93
N CYS A 439 -14.43 0.41 26.69
CA CYS A 439 -14.16 -0.07 25.34
C CYS A 439 -15.00 -1.32 25.08
N ASP A 440 -15.97 -1.20 24.18
CA ASP A 440 -16.85 -2.30 23.81
C ASP A 440 -16.69 -2.59 22.32
N TYR A 441 -17.42 -3.59 21.83
CA TYR A 441 -17.30 -4.04 20.46
C TYR A 441 -18.64 -4.58 19.98
N VAL A 442 -18.87 -4.47 18.67
CA VAL A 442 -20.09 -4.97 18.06
C VAL A 442 -19.75 -5.48 16.67
N SER A 443 -20.42 -6.56 16.26
CA SER A 443 -20.19 -7.17 14.95
C SER A 443 -21.13 -6.58 13.91
N ASN A 444 -20.71 -6.68 12.64
CA ASN A 444 -21.48 -6.12 11.55
C ASN A 444 -22.72 -6.93 11.21
N LYS A 445 -22.87 -8.12 11.77
CA LYS A 445 -24.07 -8.94 11.57
C LYS A 445 -25.23 -8.29 12.31
N GLY A 446 -26.10 -7.61 11.57
CA GLY A 446 -27.24 -6.94 12.14
C GLY A 446 -27.05 -5.46 12.38
N VAL A 447 -25.82 -4.96 12.30
CA VAL A 447 -25.51 -3.55 12.54
C VAL A 447 -25.06 -2.95 11.22
N ASP A 448 -25.59 -1.76 10.90
CA ASP A 448 -25.23 -1.05 9.67
C ASP A 448 -24.39 0.19 9.91
N THR A 449 -24.59 0.88 11.03
CA THR A 449 -23.84 2.09 11.33
C THR A 449 -23.43 2.08 12.80
N VAL A 450 -22.44 2.91 13.11
CA VAL A 450 -21.98 3.14 14.47
C VAL A 450 -21.87 4.64 14.69
N SER A 451 -22.51 5.13 15.74
CA SER A 451 -22.52 6.55 16.07
C SER A 451 -21.72 6.79 17.35
N VAL A 452 -20.74 7.68 17.27
CA VAL A 452 -19.94 8.09 18.42
C VAL A 452 -19.91 9.61 18.43
N GLY A 453 -20.61 10.20 19.39
CA GLY A 453 -20.69 11.65 19.44
C GLY A 453 -21.54 12.18 18.30
N ASN A 454 -20.99 13.15 17.56
CA ASN A 454 -21.67 13.75 16.42
C ASN A 454 -21.24 13.16 15.09
N THR A 455 -20.65 11.98 15.11
CA THR A 455 -20.12 11.35 13.89
C THR A 455 -20.83 10.03 13.64
N LEU A 456 -21.11 9.76 12.37
CA LEU A 456 -21.75 8.52 11.93
C LEU A 456 -20.74 7.73 11.11
N TYR A 457 -20.44 6.51 11.56
CA TYR A 457 -19.51 5.62 10.86
C TYR A 457 -20.27 4.41 10.33
N TYR A 458 -20.08 4.12 9.05
CA TYR A 458 -20.65 2.92 8.45
C TYR A 458 -19.71 1.74 8.64
N VAL A 459 -20.27 0.61 9.03
CA VAL A 459 -19.50 -0.61 9.25
C VAL A 459 -19.36 -1.34 7.92
N ASN A 460 -18.24 -2.04 7.76
CA ASN A 460 -18.04 -2.85 6.56
C ASN A 460 -18.93 -4.07 6.59
N LYS A 461 -19.68 -4.28 5.51
CA LYS A 461 -20.67 -5.36 5.44
C LYS A 461 -20.11 -6.64 4.82
N GLN A 462 -18.83 -6.92 5.04
CA GLN A 462 -18.26 -8.18 4.58
C GLN A 462 -18.76 -9.32 5.45
N GLU A 463 -19.15 -10.42 4.80
CA GLU A 463 -19.65 -11.58 5.54
C GLU A 463 -18.51 -12.27 6.28
N GLY A 464 -18.73 -12.55 7.56
CA GLY A 464 -17.73 -13.21 8.36
C GLY A 464 -18.24 -13.42 9.76
N LYS A 465 -17.58 -14.34 10.46
CA LYS A 465 -17.94 -14.69 11.83
C LYS A 465 -17.03 -13.96 12.81
N SER A 466 -17.64 -13.26 13.77
CA SER A 466 -16.90 -12.52 14.78
C SER A 466 -16.96 -13.28 16.12
N LEU A 467 -16.03 -12.93 17.00
CA LEU A 467 -15.92 -13.59 18.30
C LEU A 467 -15.53 -12.58 19.36
N TYR A 468 -16.30 -12.52 20.44
CA TYR A 468 -16.07 -11.60 21.54
C TYR A 468 -15.34 -12.34 22.65
N VAL A 469 -14.05 -12.04 22.83
CA VAL A 469 -13.23 -12.67 23.88
C VAL A 469 -13.33 -11.80 25.12
N LYS A 470 -14.26 -12.13 26.00
CA LYS A 470 -14.45 -11.37 27.23
C LYS A 470 -13.23 -11.48 28.14
N GLY A 471 -12.95 -10.39 28.83
CA GLY A 471 -11.81 -10.36 29.73
C GLY A 471 -11.74 -9.06 30.48
N GLU A 472 -11.04 -9.10 31.60
CA GLU A 472 -10.86 -7.91 32.44
C GLU A 472 -9.98 -6.90 31.73
N PRO A 473 -10.42 -5.65 31.54
CA PRO A 473 -9.56 -4.64 30.91
C PRO A 473 -8.29 -4.42 31.73
N ILE A 474 -7.14 -4.52 31.07
CA ILE A 474 -5.86 -4.46 31.76
C ILE A 474 -5.56 -3.10 32.34
N ILE A 475 -6.28 -2.06 31.94
CA ILE A 475 -6.05 -0.73 32.50
C ILE A 475 -6.45 -0.68 33.98
N ASN A 476 -7.35 -1.55 34.41
CA ASN A 476 -7.74 -1.60 35.82
C ASN A 476 -6.62 -2.14 36.71
N PHE A 477 -5.62 -2.80 36.12
CA PHE A 477 -4.53 -3.40 36.88
C PHE A 477 -3.46 -2.38 37.29
N TYR A 478 -3.62 -1.11 36.94
CA TYR A 478 -2.61 -0.09 37.20
C TYR A 478 -3.12 0.92 38.21
N ASP A 479 -2.20 1.40 39.06
CA ASP A 479 -2.51 2.46 40.02
C ASP A 479 -2.34 3.80 39.34
N PRO A 480 -3.38 4.64 39.29
CA PRO A 480 -3.27 5.93 38.57
C PRO A 480 -2.21 6.86 39.15
N LEU A 481 -1.85 6.72 40.43
CA LEU A 481 -0.90 7.64 41.03
C LEU A 481 0.54 7.36 40.59
N VAL A 482 0.85 6.13 40.18
CA VAL A 482 2.20 5.78 39.76
C VAL A 482 2.18 5.34 38.30
N PHE A 483 1.23 5.88 37.54
CA PHE A 483 1.06 5.51 36.15
C PHE A 483 1.71 6.56 35.26
N PRO A 484 2.68 6.20 34.41
CA PRO A 484 3.28 7.20 33.50
C PRO A 484 2.26 7.75 32.52
N SER A 485 2.01 9.06 32.61
CA SER A 485 0.91 9.69 31.90
C SER A 485 1.24 10.12 30.48
N ASP A 486 2.47 9.88 30.01
CA ASP A 486 2.79 10.33 28.66
C ASP A 486 3.99 9.51 28.18
N GLU A 487 3.71 8.29 27.73
CA GLU A 487 4.67 7.40 27.10
C GLU A 487 4.10 6.96 25.77
N PHE A 488 4.86 7.15 24.69
CA PHE A 488 4.43 6.79 23.35
C PHE A 488 5.24 5.65 22.77
N ASP A 489 6.56 5.80 22.71
CA ASP A 489 7.44 4.72 22.25
C ASP A 489 7.83 3.82 23.42
N ALA A 490 6.81 3.20 24.01
CA ALA A 490 6.96 2.39 25.21
C ALA A 490 6.36 1.02 24.98
N SER A 491 6.38 0.19 26.02
CA SER A 491 5.86 -1.17 25.96
C SER A 491 5.36 -1.57 27.34
N ILE A 492 4.93 -2.83 27.45
CA ILE A 492 4.43 -3.33 28.73
C ILE A 492 5.54 -3.34 29.78
N SER A 493 6.73 -3.80 29.38
CA SER A 493 7.84 -3.90 30.33
C SER A 493 8.41 -2.53 30.66
N GLN A 494 8.47 -1.63 29.67
CA GLN A 494 8.96 -0.27 29.94
C GLN A 494 8.10 0.43 30.96
N VAL A 495 6.77 0.23 30.90
CA VAL A 495 5.89 0.80 31.90
C VAL A 495 6.10 0.13 33.25
N ASN A 496 6.21 -1.19 33.26
CA ASN A 496 6.38 -1.90 34.52
C ASN A 496 7.73 -1.59 35.16
N GLU A 497 8.79 -1.44 34.35
CA GLU A 497 10.09 -1.10 34.90
C GLU A 497 10.20 0.37 35.28
N LYS A 498 9.29 1.22 34.78
CA LYS A 498 9.20 2.60 35.20
C LYS A 498 8.31 2.79 36.41
N ILE A 499 7.37 1.87 36.64
CA ILE A 499 6.52 1.94 37.83
C ILE A 499 7.31 1.52 39.06
N ASN A 500 8.15 0.50 38.92
CA ASN A 500 8.81 -0.08 40.09
C ASN A 500 9.79 0.89 40.75
N GLN A 501 10.47 1.73 39.96
CA GLN A 501 11.33 2.75 40.54
C GLN A 501 10.56 4.03 40.91
N SER A 502 9.26 4.07 40.63
CA SER A 502 8.39 5.00 41.34
C SER A 502 7.97 4.43 42.69
N LEU A 503 8.10 3.12 42.86
CA LEU A 503 7.93 2.45 44.15
C LEU A 503 9.23 2.35 44.94
N ALA A 504 10.34 2.87 44.38
CA ALA A 504 11.55 3.04 45.17
C ALA A 504 11.53 4.36 45.91
N PHE A 505 10.84 5.36 45.35
CA PHE A 505 10.66 6.63 46.04
C PHE A 505 9.86 6.47 47.32
N ILE A 506 9.01 5.44 47.42
CA ILE A 506 8.22 5.22 48.63
C ILE A 506 8.98 4.41 49.67
N ARG A 507 10.13 3.83 49.33
CA ARG A 507 11.00 3.27 50.36
C ARG A 507 11.63 4.35 51.22
N LYS A 508 11.65 5.60 50.73
CA LYS A 508 11.99 6.75 51.56
C LYS A 508 10.77 7.30 52.27
N SER A 509 9.56 7.06 51.74
CA SER A 509 8.34 7.57 52.33
C SER A 509 8.01 6.92 53.68
N ASP A 510 8.68 5.82 54.03
CA ASP A 510 8.34 5.11 55.26
C ASP A 510 9.03 5.69 56.49
N GLU A 511 9.73 6.82 56.37
CA GLU A 511 10.45 7.39 57.50
C GLU A 511 9.51 7.76 58.63
C3' NHE B . 1.68 -6.87 36.16
C2' NHE B . 2.37 -5.64 36.70
C1' NHE B . 1.37 -4.61 37.19
C6' NHE B . 0.34 -4.27 36.14
N NHE B . 2.08 -3.41 37.57
C1 NHE B . 2.14 -3.32 39.00
C2 NHE B . 0.71 -2.96 39.57
S NHE B . 0.71 -1.26 40.20
O1 NHE B . 2.14 -0.76 40.34
O2 NHE B . -0.10 -0.35 39.33
O3 NHE B . -0.02 -1.17 41.48
C5' NHE B . -0.35 -5.49 35.61
C4' NHE B . 0.65 -6.54 35.11
S SO4 C . 1.80 6.01 11.10
O1 SO4 C . 1.91 7.22 11.91
O2 SO4 C . 2.83 6.02 10.07
O3 SO4 C . 0.48 5.97 10.46
O4 SO4 C . 1.95 4.84 11.96
S SO4 D . -27.32 -8.14 7.79
O1 SO4 D . -28.23 -7.15 8.36
O2 SO4 D . -27.51 -8.21 6.35
O3 SO4 D . -27.59 -9.44 8.38
O4 SO4 D . -25.94 -7.75 8.08
O1 TAR E . -6.47 -0.87 5.48
O11 TAR E . -7.28 -2.66 4.55
C1 TAR E . -7.08 -1.42 4.53
C2 TAR E . -7.59 -0.58 3.37
O2 TAR E . -6.49 -0.15 2.60
C3 TAR E . -8.50 -1.43 2.51
O3 TAR E . -7.82 -2.60 2.12
C4 TAR E . -8.89 -0.66 1.27
O4 TAR E . -8.70 0.59 1.21
O41 TAR E . -9.39 -1.26 0.28
C10 5NK F . 9.59 8.38 19.75
C15 5NK F . 0.86 10.27 20.80
C17 5NK F . 2.44 11.30 19.03
C20 5NK F . 8.08 12.37 23.55
C21 5NK F . 8.14 11.18 24.52
C24 5NK F . 6.04 13.14 24.57
C26 5NK F . 8.06 11.53 27.90
C28 5NK F . 1.56 10.28 23.35
C01 5NK F . 8.52 9.18 19.01
C02 5NK F . 8.42 9.09 17.50
C03 5NK F . 7.38 9.87 16.79
C04 5NK F . 6.43 10.74 17.58
C05 5NK F . 7.52 10.09 19.82
C06 5NK F . 6.55 10.82 19.16
N07 5NK F . 5.85 11.50 20.07
C08 5NK F . 6.38 11.21 21.30
N09 5NK F . 7.41 10.34 21.13
C11 5NK F . 4.74 12.38 19.80
C12 5NK F . 3.43 11.66 20.14
N13 5NK F . 3.12 11.32 21.54
C14 5NK F . 1.87 10.63 21.89
C16 5NK F . 1.16 10.61 19.37
N18 5NK F . 5.91 11.74 22.57
C19 5NK F . 6.71 12.83 23.31
N22 5NK F . 7.42 11.43 25.76
C23 5NK F . 6.08 11.96 25.55
C25 5NK F . 8.05 12.13 26.49
N27 5NK F . 9.06 12.20 28.71
O29 5NK F . 2.73 11.64 17.69
#